data_2DKE
#
_entry.id   2DKE
#
_cell.length_a   75.980
_cell.length_b   75.980
_cell.length_c   84.970
_cell.angle_alpha   90.00
_cell.angle_beta   90.00
_cell.angle_gamma   90.00
#
_symmetry.space_group_name_H-M   'P 43 21 2'
#
loop_
_entity.id
_entity.type
_entity.pdbx_description
1 polymer 'Phycocyanobilin:ferredoxin oxidoreductase'
2 non-polymer 'CHLORIDE ION'
3 water water
#
_entity_poly.entity_id   1
_entity_poly.type   'polypeptide(L)'
_entity_poly.pdbx_seq_one_letter_code
;MAVTDLSLTNSSLMPTLNPMIQQLALAIAASWQSLPLKPYQLPEDLGYVEGRLEGEKLVIENRCYQTPQFRKMHLELAKV
GKGLDILHCVMFPEPLYGLPLFGCDIVAGPGGVSAAIADLSPTQSDRQLPAAYQKSLAELGQPEFEQQRELPPWGEIFSE
YCLFIRPSNVTEEERFVQRVVDFLQIHCHQSIVAEPLSEAQTLEHRQGQIHYCQQQQKNDKTRRVLEKAFGEAWAERYMS
QVLFDVIQ
;
_entity_poly.pdbx_strand_id   A
#
# COMPACT_ATOMS: atom_id res chain seq x y z
N ASP A 5 -10.00 5.20 -18.16
CA ASP A 5 -9.14 4.81 -17.01
C ASP A 5 -9.41 5.69 -15.79
N LEU A 6 -8.41 5.73 -14.90
CA LEU A 6 -8.45 6.53 -13.67
C LEU A 6 -7.01 6.98 -13.41
N SER A 7 -6.65 8.15 -13.92
CA SER A 7 -5.28 8.67 -13.82
C SER A 7 -4.89 9.66 -12.74
N LEU A 8 -3.57 9.83 -12.60
CA LEU A 8 -2.95 10.73 -11.64
C LEU A 8 -2.51 12.04 -12.31
N THR A 9 -3.05 12.34 -13.49
CA THR A 9 -2.66 13.55 -14.21
C THR A 9 -3.16 14.85 -13.59
N ASN A 10 -4.22 14.77 -12.79
CA ASN A 10 -4.73 15.98 -12.18
C ASN A 10 -4.30 16.06 -10.72
N SER A 11 -3.12 15.53 -10.44
CA SER A 11 -2.53 15.51 -9.11
C SER A 11 -1.66 16.73 -8.88
N SER A 12 -1.85 17.38 -7.75
CA SER A 12 -1.08 18.57 -7.42
C SER A 12 0.23 18.26 -6.73
N LEU A 13 0.44 16.99 -6.38
CA LEU A 13 1.68 16.59 -5.71
C LEU A 13 2.69 15.93 -6.63
N MET A 14 2.21 15.18 -7.62
CA MET A 14 3.09 14.47 -8.52
C MET A 14 4.29 15.26 -9.03
N PRO A 15 4.11 16.54 -9.33
CA PRO A 15 5.26 17.30 -9.82
C PRO A 15 6.33 17.54 -8.76
N THR A 16 5.94 17.60 -7.49
CA THR A 16 6.92 17.86 -6.45
C THR A 16 7.36 16.66 -5.65
N LEU A 17 6.68 15.56 -5.84
CA LEU A 17 6.99 14.33 -5.14
C LEU A 17 8.29 13.71 -5.65
N ASN A 18 9.01 13.06 -4.73
CA ASN A 18 10.25 12.37 -5.02
C ASN A 18 10.06 11.45 -6.25
N PRO A 19 11.00 11.47 -7.20
CA PRO A 19 10.95 10.66 -8.43
C PRO A 19 10.63 9.15 -8.30
N MET A 20 10.98 8.51 -7.18
CA MET A 20 10.69 7.08 -7.03
C MET A 20 9.21 6.91 -6.73
N ILE A 21 8.66 7.83 -5.94
CA ILE A 21 7.25 7.80 -5.61
C ILE A 21 6.45 8.05 -6.88
N GLN A 22 6.98 8.92 -7.74
CA GLN A 22 6.33 9.22 -9.02
C GLN A 22 6.23 7.95 -9.86
N GLN A 23 7.36 7.25 -9.95
CA GLN A 23 7.47 6.03 -10.71
C GLN A 23 6.60 4.94 -10.15
N LEU A 24 6.51 4.86 -8.82
CA LEU A 24 5.67 3.86 -8.18
C LEU A 24 4.21 4.14 -8.52
N ALA A 25 3.76 5.34 -8.19
CA ALA A 25 2.40 5.79 -8.48
C ALA A 25 2.02 5.49 -9.91
N LEU A 26 2.89 5.86 -10.84
CA LEU A 26 2.67 5.62 -12.27
C LEU A 26 2.64 4.13 -12.58
N ALA A 27 3.52 3.37 -11.93
CA ALA A 27 3.59 1.93 -12.10
C ALA A 27 2.35 1.27 -11.50
N ILE A 28 1.89 1.80 -10.36
CA ILE A 28 0.72 1.28 -9.66
C ILE A 28 -0.55 1.66 -10.42
N ALA A 29 -0.47 2.73 -11.20
CA ALA A 29 -1.63 3.14 -11.97
C ALA A 29 -1.75 2.29 -13.22
N ALA A 30 -0.61 1.98 -13.84
CA ALA A 30 -0.61 1.15 -15.04
C ALA A 30 -1.21 -0.21 -14.71
N SER A 31 -0.88 -0.69 -13.51
CA SER A 31 -1.36 -1.97 -13.01
C SER A 31 -2.86 -2.00 -12.76
N TRP A 32 -3.38 -1.04 -12.00
CA TRP A 32 -4.81 -1.02 -11.70
C TRP A 32 -5.72 -0.74 -12.88
N GLN A 33 -5.17 -0.17 -13.95
CA GLN A 33 -6.00 0.14 -15.12
C GLN A 33 -6.27 -1.12 -15.94
N SER A 34 -5.42 -2.13 -15.80
CA SER A 34 -5.58 -3.38 -16.52
C SER A 34 -6.74 -4.12 -15.84
N LEU A 35 -7.11 -3.59 -14.69
CA LEU A 35 -8.17 -4.11 -13.85
C LEU A 35 -9.50 -3.40 -14.13
N PRO A 36 -10.61 -4.03 -13.76
CA PRO A 36 -11.97 -3.50 -13.94
C PRO A 36 -12.37 -2.58 -12.78
N LEU A 37 -11.66 -1.47 -12.64
CA LEU A 37 -11.88 -0.53 -11.54
C LEU A 37 -13.23 0.17 -11.44
N LYS A 38 -13.72 0.27 -10.21
CA LYS A 38 -14.96 0.96 -9.91
C LYS A 38 -14.59 1.93 -8.80
N PRO A 39 -15.39 2.99 -8.62
CA PRO A 39 -15.06 3.95 -7.57
C PRO A 39 -15.37 3.47 -6.16
N TYR A 40 -14.47 3.74 -5.22
CA TYR A 40 -14.70 3.38 -3.84
C TYR A 40 -15.01 4.69 -3.12
N GLN A 41 -15.88 4.63 -2.13
CA GLN A 41 -16.28 5.84 -1.43
C GLN A 41 -15.63 6.13 -0.09
N LEU A 42 -14.73 7.12 -0.10
CA LEU A 42 -14.05 7.54 1.12
C LEU A 42 -14.76 8.82 1.55
N PRO A 43 -14.80 9.09 2.86
CA PRO A 43 -15.45 10.30 3.38
C PRO A 43 -15.12 11.49 2.47
N GLU A 44 -16.16 12.14 1.96
CA GLU A 44 -15.99 13.28 1.07
C GLU A 44 -14.82 14.22 1.39
N ASP A 45 -14.72 14.64 2.64
CA ASP A 45 -13.65 15.54 3.07
C ASP A 45 -12.23 14.99 2.99
N LEU A 46 -12.08 13.67 3.11
CA LEU A 46 -10.77 13.04 3.10
C LEU A 46 -10.13 12.66 1.77
N GLY A 47 -10.75 13.04 0.65
CA GLY A 47 -10.18 12.74 -0.65
C GLY A 47 -9.00 13.64 -0.94
N TYR A 48 -9.06 14.85 -0.40
CA TYR A 48 -8.01 15.83 -0.55
C TYR A 48 -7.94 16.55 0.77
N VAL A 49 -6.79 16.49 1.42
CA VAL A 49 -6.60 17.11 2.71
C VAL A 49 -5.41 18.06 2.75
N GLU A 50 -5.62 19.22 3.37
CA GLU A 50 -4.58 20.23 3.51
C GLU A 50 -4.55 20.76 4.93
N GLY A 51 -3.34 21.00 5.44
CA GLY A 51 -3.22 21.51 6.78
C GLY A 51 -1.84 22.06 7.08
N ARG A 52 -1.57 22.38 8.33
CA ARG A 52 -0.27 22.92 8.72
C ARG A 52 0.37 22.05 9.79
N LEU A 53 1.70 22.03 9.79
CA LEU A 53 2.42 21.27 10.78
C LEU A 53 3.76 21.97 10.96
N GLU A 54 4.03 22.41 12.18
CA GLU A 54 5.26 23.11 12.50
C GLU A 54 5.43 24.27 11.53
N GLY A 55 4.29 24.85 11.15
CA GLY A 55 4.30 25.99 10.25
C GLY A 55 4.30 25.66 8.77
N GLU A 56 4.62 24.42 8.43
CA GLU A 56 4.66 24.03 7.02
C GLU A 56 3.36 23.42 6.52
N LYS A 57 3.12 23.60 5.22
CA LYS A 57 1.92 23.08 4.57
C LYS A 57 1.99 21.56 4.42
N LEU A 58 0.84 20.89 4.54
CA LEU A 58 0.80 19.45 4.35
C LEU A 58 -0.39 19.15 3.47
N VAL A 59 -0.23 18.21 2.57
CA VAL A 59 -1.31 17.85 1.68
C VAL A 59 -1.31 16.36 1.45
N ILE A 60 -2.50 15.80 1.23
CA ILE A 60 -2.63 14.38 0.95
C ILE A 60 -3.69 14.17 -0.10
N GLU A 61 -3.46 13.19 -0.97
CA GLU A 61 -4.41 12.83 -2.02
C GLU A 61 -4.64 11.35 -1.85
N ASN A 62 -5.91 11.00 -1.62
CA ASN A 62 -6.30 9.62 -1.45
C ASN A 62 -7.10 9.26 -2.68
N ARG A 63 -6.75 8.14 -3.30
CA ARG A 63 -7.45 7.67 -4.48
C ARG A 63 -7.94 6.27 -4.14
N CYS A 64 -9.24 6.03 -4.31
CA CYS A 64 -9.82 4.74 -3.98
C CYS A 64 -10.65 4.06 -5.05
N TYR A 65 -10.43 2.77 -5.22
CA TYR A 65 -11.16 2.00 -6.23
C TYR A 65 -11.52 0.61 -5.72
N GLN A 66 -12.32 -0.10 -6.48
CA GLN A 66 -12.73 -1.44 -6.13
C GLN A 66 -13.14 -2.30 -7.34
N THR A 67 -13.10 -3.62 -7.16
CA THR A 67 -13.49 -4.58 -8.19
C THR A 67 -14.06 -5.79 -7.44
N PRO A 68 -14.85 -6.63 -8.12
CA PRO A 68 -15.41 -7.79 -7.42
C PRO A 68 -14.38 -8.61 -6.66
N GLN A 69 -13.12 -8.48 -7.04
CA GLN A 69 -12.02 -9.20 -6.38
C GLN A 69 -11.40 -8.41 -5.25
N PHE A 70 -11.52 -7.09 -5.29
CA PHE A 70 -10.96 -6.25 -4.24
C PHE A 70 -11.94 -5.31 -3.58
N ARG A 71 -12.07 -5.45 -2.25
CA ARG A 71 -12.98 -4.62 -1.47
C ARG A 71 -12.67 -3.14 -1.60
N LYS A 72 -11.40 -2.79 -1.35
CA LYS A 72 -10.94 -1.42 -1.39
C LYS A 72 -9.46 -1.33 -1.80
N MET A 73 -9.18 -0.55 -2.84
CA MET A 73 -7.81 -0.33 -3.34
C MET A 73 -7.47 1.13 -3.08
N HIS A 74 -6.55 1.35 -2.15
CA HIS A 74 -6.16 2.70 -1.74
C HIS A 74 -4.79 3.18 -2.20
N LEU A 75 -4.74 4.37 -2.80
CA LEU A 75 -3.47 5.00 -3.19
C LEU A 75 -3.39 6.32 -2.43
N GLU A 76 -2.39 6.44 -1.57
CA GLU A 76 -2.24 7.65 -0.80
C GLU A 76 -0.94 8.38 -1.15
N LEU A 77 -1.04 9.67 -1.42
CA LEU A 77 0.12 10.49 -1.73
C LEU A 77 0.06 11.71 -0.82
N ALA A 78 1.20 12.10 -0.26
CA ALA A 78 1.20 13.23 0.63
C ALA A 78 2.57 13.89 0.73
N LYS A 79 2.53 15.19 0.96
CA LYS A 79 3.74 15.98 1.14
C LYS A 79 3.56 16.69 2.47
N VAL A 80 4.48 16.51 3.39
CA VAL A 80 4.36 17.20 4.66
C VAL A 80 5.65 17.96 4.87
N GLY A 81 5.55 19.28 4.77
CA GLY A 81 6.70 20.14 4.91
C GLY A 81 7.57 20.05 3.67
N LYS A 82 8.77 20.60 3.74
CA LYS A 82 9.71 20.58 2.64
C LYS A 82 10.48 19.26 2.60
N GLY A 83 10.20 18.39 3.55
CA GLY A 83 10.89 17.11 3.59
C GLY A 83 9.99 15.93 3.28
N LEU A 84 9.43 15.36 4.34
CA LEU A 84 8.57 14.19 4.23
C LEU A 84 7.71 13.99 2.98
N ASP A 85 8.10 13.00 2.18
CA ASP A 85 7.33 12.64 0.98
C ASP A 85 6.81 11.25 1.31
N ILE A 86 5.54 10.98 1.00
CA ILE A 86 4.96 9.69 1.32
C ILE A 86 4.11 9.07 0.23
N LEU A 87 4.32 7.79 -0.03
CA LEU A 87 3.51 7.06 -0.98
C LEU A 87 2.98 5.87 -0.20
N HIS A 88 1.67 5.67 -0.24
CA HIS A 88 1.07 4.54 0.47
C HIS A 88 0.02 3.88 -0.40
N CYS A 89 0.14 2.58 -0.54
CA CYS A 89 -0.78 1.84 -1.38
C CYS A 89 -1.11 0.50 -0.76
N VAL A 90 -2.41 0.17 -0.79
CA VAL A 90 -2.90 -1.10 -0.27
C VAL A 90 -4.08 -1.58 -1.10
N MET A 91 -4.10 -2.87 -1.40
CA MET A 91 -5.21 -3.44 -2.14
C MET A 91 -5.93 -4.36 -1.18
N PHE A 92 -7.18 -4.04 -0.89
CA PHE A 92 -7.97 -4.84 0.04
C PHE A 92 -8.81 -5.87 -0.70
N PRO A 93 -8.46 -7.15 -0.53
CA PRO A 93 -9.15 -8.27 -1.17
C PRO A 93 -10.55 -8.58 -0.63
N GLU A 94 -11.47 -8.89 -1.54
CA GLU A 94 -12.84 -9.24 -1.16
C GLU A 94 -12.75 -10.68 -0.68
N PRO A 95 -12.88 -10.89 0.64
CA PRO A 95 -12.81 -12.17 1.36
C PRO A 95 -13.22 -13.43 0.60
N LEU A 96 -14.29 -13.34 -0.18
CA LEU A 96 -14.81 -14.46 -0.94
C LEU A 96 -13.80 -15.08 -1.90
N TYR A 97 -12.77 -14.33 -2.27
CA TYR A 97 -11.79 -14.83 -3.22
C TYR A 97 -10.46 -15.29 -2.66
N GLY A 98 -10.29 -15.12 -1.35
CA GLY A 98 -9.08 -15.54 -0.66
C GLY A 98 -7.73 -15.08 -1.17
N LEU A 99 -7.66 -13.88 -1.74
CA LEU A 99 -6.38 -13.38 -2.24
C LEU A 99 -5.59 -12.70 -1.12
N PRO A 100 -4.28 -12.51 -1.32
CA PRO A 100 -3.44 -11.86 -0.31
C PRO A 100 -3.63 -10.36 -0.54
N LEU A 101 -3.38 -9.55 0.47
CA LEU A 101 -3.53 -8.12 0.24
C LEU A 101 -2.20 -7.46 -0.02
N PHE A 102 -2.12 -6.78 -1.16
CA PHE A 102 -0.91 -6.07 -1.56
C PHE A 102 -0.71 -4.88 -0.64
N GLY A 103 0.50 -4.33 -0.66
CA GLY A 103 0.79 -3.18 0.17
C GLY A 103 2.23 -2.75 0.06
N CYS A 104 2.44 -1.45 -0.12
CA CYS A 104 3.78 -0.88 -0.21
C CYS A 104 3.73 0.56 0.27
N ASP A 105 4.90 1.07 0.69
CA ASP A 105 5.04 2.43 1.19
C ASP A 105 6.37 3.00 0.74
N ILE A 106 6.42 4.31 0.58
CA ILE A 106 7.66 4.97 0.24
C ILE A 106 7.70 6.15 1.17
N VAL A 107 8.84 6.34 1.79
CA VAL A 107 9.05 7.46 2.69
C VAL A 107 10.34 8.11 2.20
N ALA A 108 10.25 9.39 1.84
CA ALA A 108 11.44 10.06 1.36
C ALA A 108 11.47 11.51 1.80
N GLY A 109 12.65 12.08 1.78
CA GLY A 109 12.80 13.47 2.15
C GLY A 109 13.84 14.09 1.26
N PRO A 110 14.36 15.27 1.64
CA PRO A 110 15.39 15.99 0.86
C PRO A 110 16.49 15.08 0.32
N GLY A 111 17.05 14.24 1.19
CA GLY A 111 18.12 13.35 0.78
C GLY A 111 17.76 12.02 0.14
N GLY A 112 16.63 11.95 -0.54
CA GLY A 112 16.26 10.70 -1.17
C GLY A 112 15.34 9.83 -0.35
N VAL A 113 15.18 8.59 -0.81
CA VAL A 113 14.31 7.65 -0.13
C VAL A 113 14.92 7.02 1.09
N SER A 114 14.24 7.18 2.23
CA SER A 114 14.70 6.60 3.48
C SER A 114 14.20 5.16 3.60
N ALA A 115 12.94 4.92 3.23
CA ALA A 115 12.41 3.57 3.29
C ALA A 115 11.48 3.24 2.14
N ALA A 116 11.61 2.03 1.62
CA ALA A 116 10.80 1.50 0.55
C ALA A 116 10.39 0.09 0.97
N ILE A 117 9.10 -0.11 1.21
CA ILE A 117 8.56 -1.40 1.65
C ILE A 117 7.43 -1.88 0.73
N ALA A 118 7.47 -3.15 0.35
CA ALA A 118 6.45 -3.73 -0.53
C ALA A 118 6.22 -5.19 -0.17
N ASP A 119 4.97 -5.64 -0.24
CA ASP A 119 4.69 -7.03 0.09
C ASP A 119 3.29 -7.52 -0.25
N LEU A 120 3.16 -8.85 -0.38
CA LEU A 120 1.87 -9.47 -0.62
C LEU A 120 1.63 -10.23 0.69
N SER A 121 0.69 -9.73 1.49
CA SER A 121 0.39 -10.32 2.79
C SER A 121 -0.65 -11.44 2.82
N PRO A 122 -0.41 -12.45 3.69
CA PRO A 122 -1.24 -13.64 3.88
C PRO A 122 -2.55 -13.40 4.63
N THR A 123 -3.65 -13.36 3.88
CA THR A 123 -4.97 -13.16 4.48
C THR A 123 -5.47 -14.43 5.15
N GLN A 124 -4.71 -15.51 4.99
CA GLN A 124 -5.08 -16.79 5.57
C GLN A 124 -4.97 -16.76 7.09
N SER A 125 -5.67 -17.71 7.73
CA SER A 125 -5.67 -17.83 9.18
C SER A 125 -4.33 -18.39 9.61
N ASP A 126 -3.63 -19.02 8.67
CA ASP A 126 -2.33 -19.62 8.94
C ASP A 126 -1.14 -18.75 8.57
N ARG A 127 -1.42 -17.61 7.93
CA ARG A 127 -0.35 -16.68 7.53
C ARG A 127 0.39 -17.11 6.27
N GLN A 128 -0.16 -18.08 5.55
CA GLN A 128 0.45 -18.57 4.33
C GLN A 128 -0.14 -17.88 3.11
N LEU A 129 0.62 -17.94 2.01
CA LEU A 129 0.17 -17.38 0.74
C LEU A 129 -0.21 -18.56 -0.15
N PRO A 130 -1.20 -18.39 -1.03
CA PRO A 130 -1.61 -19.48 -1.91
C PRO A 130 -0.40 -20.15 -2.56
N ALA A 131 -0.55 -21.42 -2.94
CA ALA A 131 0.54 -22.15 -3.57
C ALA A 131 1.05 -21.38 -4.79
N ALA A 132 0.11 -20.96 -5.64
CA ALA A 132 0.42 -20.23 -6.85
C ALA A 132 1.36 -19.05 -6.57
N TYR A 133 0.93 -18.14 -5.71
CA TYR A 133 1.76 -16.98 -5.38
C TYR A 133 3.20 -17.40 -5.09
N GLN A 134 3.38 -18.41 -4.24
CA GLN A 134 4.72 -18.87 -3.89
C GLN A 134 5.48 -19.44 -5.08
N LYS A 135 4.76 -20.07 -6.00
CA LYS A 135 5.40 -20.65 -7.18
C LYS A 135 5.90 -19.51 -8.09
N SER A 136 5.22 -18.37 -8.08
CA SER A 136 5.61 -17.24 -8.92
C SER A 136 6.61 -16.31 -8.23
N LEU A 137 6.41 -16.09 -6.94
CA LEU A 137 7.27 -15.21 -6.18
C LEU A 137 8.67 -15.82 -6.11
N ALA A 138 8.73 -17.15 -6.11
CA ALA A 138 10.00 -17.85 -6.08
C ALA A 138 10.68 -17.77 -7.44
N GLU A 139 9.91 -18.01 -8.50
CA GLU A 139 10.42 -17.96 -9.87
C GLU A 139 10.93 -16.59 -10.31
N LEU A 140 10.69 -15.57 -9.49
CA LEU A 140 11.13 -14.21 -9.82
C LEU A 140 12.61 -14.03 -9.55
N GLY A 141 13.12 -14.77 -8.58
CA GLY A 141 14.52 -14.67 -8.23
C GLY A 141 14.72 -13.96 -6.90
N GLN A 142 15.97 -13.90 -6.44
CA GLN A 142 16.28 -13.24 -5.18
C GLN A 142 16.58 -11.76 -5.40
N PRO A 143 15.92 -10.88 -4.62
CA PRO A 143 16.09 -9.42 -4.70
C PRO A 143 17.41 -8.98 -4.05
N GLU A 144 18.31 -8.39 -4.85
CA GLU A 144 19.59 -7.94 -4.32
C GLU A 144 19.67 -6.44 -4.06
N PHE A 145 19.52 -6.08 -2.79
CA PHE A 145 19.60 -4.68 -2.38
C PHE A 145 20.59 -4.53 -1.21
N GLU A 146 21.20 -3.36 -1.10
CA GLU A 146 22.16 -3.15 -0.04
C GLU A 146 21.51 -3.03 1.34
N GLN A 147 20.59 -2.07 1.51
CA GLN A 147 19.95 -1.88 2.81
C GLN A 147 18.61 -2.61 2.92
N GLN A 148 18.46 -3.42 3.97
CA GLN A 148 17.23 -4.18 4.17
C GLN A 148 16.91 -4.57 5.61
N ARG A 149 15.87 -5.40 5.75
CA ARG A 149 15.38 -5.93 7.02
C ARG A 149 15.05 -4.95 8.16
N GLU A 150 14.80 -5.53 9.34
CA GLU A 150 14.46 -4.85 10.59
C GLU A 150 12.94 -4.77 10.86
N LEU A 151 12.20 -5.70 10.27
CA LEU A 151 10.75 -5.71 10.46
C LEU A 151 10.42 -6.01 11.92
N PRO A 152 9.63 -5.13 12.56
CA PRO A 152 9.25 -5.30 13.95
C PRO A 152 8.48 -6.58 14.26
N PRO A 153 8.48 -6.99 15.55
CA PRO A 153 7.81 -8.18 16.08
C PRO A 153 6.33 -8.33 15.71
N TRP A 154 5.71 -7.26 15.20
CA TRP A 154 4.31 -7.33 14.81
C TRP A 154 4.29 -7.58 13.30
N GLY A 155 5.47 -7.91 12.78
CA GLY A 155 5.62 -8.19 11.36
C GLY A 155 5.01 -9.55 11.05
N GLU A 156 4.40 -10.13 12.09
CA GLU A 156 3.71 -11.41 11.99
C GLU A 156 2.71 -11.32 10.84
N ILE A 157 2.21 -10.10 10.64
CA ILE A 157 1.22 -9.76 9.62
C ILE A 157 1.64 -9.92 8.16
N PHE A 158 2.89 -9.63 7.85
CA PHE A 158 3.37 -9.73 6.48
C PHE A 158 3.97 -11.08 6.11
N SER A 159 4.12 -11.29 4.79
CA SER A 159 4.65 -12.53 4.23
C SER A 159 6.16 -12.59 4.26
N GLU A 160 6.69 -13.67 3.68
CA GLU A 160 8.12 -13.93 3.63
C GLU A 160 8.86 -13.32 2.45
N TYR A 161 8.11 -12.79 1.49
CA TYR A 161 8.75 -12.18 0.33
C TYR A 161 8.84 -10.68 0.52
N CYS A 162 8.46 -10.20 1.70
CA CYS A 162 8.50 -8.78 1.99
C CYS A 162 9.85 -8.16 1.67
N LEU A 163 9.82 -7.10 0.88
CA LEU A 163 11.03 -6.38 0.50
C LEU A 163 11.03 -5.03 1.23
N PHE A 164 11.85 -4.93 2.28
CA PHE A 164 11.94 -3.72 3.08
C PHE A 164 13.32 -3.10 2.93
N ILE A 165 13.54 -2.42 1.82
CA ILE A 165 14.83 -1.80 1.58
C ILE A 165 14.87 -0.33 1.91
N ARG A 166 16.08 0.21 1.84
CA ARG A 166 16.38 1.61 2.06
C ARG A 166 17.29 1.84 0.84
N PRO A 167 16.69 2.20 -0.30
CA PRO A 167 17.44 2.44 -1.54
C PRO A 167 18.85 3.00 -1.31
N SER A 168 19.85 2.33 -1.86
CA SER A 168 21.23 2.79 -1.74
C SER A 168 21.65 3.63 -2.95
N ASN A 169 20.75 3.75 -3.93
CA ASN A 169 21.02 4.56 -5.14
C ASN A 169 19.87 4.46 -6.14
N VAL A 170 19.96 5.23 -7.23
CA VAL A 170 18.94 5.26 -8.28
C VAL A 170 18.72 3.93 -9.00
N THR A 171 19.79 3.13 -9.08
CA THR A 171 19.71 1.83 -9.71
C THR A 171 18.62 1.04 -8.99
N GLU A 172 18.84 0.85 -7.68
CA GLU A 172 17.94 0.10 -6.81
C GLU A 172 16.54 0.68 -6.70
N GLU A 173 16.39 1.98 -6.97
CA GLU A 173 15.08 2.62 -6.92
C GLU A 173 14.17 1.96 -7.97
N GLU A 174 14.70 1.83 -9.18
CA GLU A 174 13.97 1.23 -10.30
C GLU A 174 13.92 -0.29 -10.21
N ARG A 175 14.77 -0.88 -9.40
CA ARG A 175 14.76 -2.32 -9.26
C ARG A 175 13.59 -2.65 -8.36
N PHE A 176 13.43 -1.82 -7.34
CA PHE A 176 12.36 -1.99 -6.38
C PHE A 176 11.02 -1.74 -7.07
N VAL A 177 10.98 -0.77 -7.98
CA VAL A 177 9.74 -0.50 -8.70
C VAL A 177 9.43 -1.69 -9.59
N GLN A 178 10.46 -2.26 -10.23
CA GLN A 178 10.27 -3.42 -11.09
C GLN A 178 9.73 -4.60 -10.27
N ARG A 179 10.30 -4.81 -9.10
CA ARG A 179 9.86 -5.89 -8.22
C ARG A 179 8.42 -5.63 -7.78
N VAL A 180 8.08 -4.36 -7.54
CA VAL A 180 6.72 -4.07 -7.12
C VAL A 180 5.84 -4.35 -8.33
N VAL A 181 6.27 -3.89 -9.50
CA VAL A 181 5.54 -4.14 -10.73
C VAL A 181 5.29 -5.63 -10.88
N ASP A 182 6.35 -6.42 -10.69
CA ASP A 182 6.27 -7.88 -10.78
C ASP A 182 5.14 -8.45 -9.92
N PHE A 183 5.18 -8.14 -8.62
CA PHE A 183 4.17 -8.59 -7.66
C PHE A 183 2.76 -8.26 -8.15
N LEU A 184 2.60 -7.04 -8.63
CA LEU A 184 1.32 -6.58 -9.13
C LEU A 184 0.82 -7.41 -10.30
N GLN A 185 1.72 -7.78 -11.20
CA GLN A 185 1.33 -8.59 -12.35
C GLN A 185 0.90 -9.98 -11.87
N ILE A 186 1.71 -10.59 -10.99
CA ILE A 186 1.36 -11.91 -10.46
C ILE A 186 -0.01 -11.80 -9.79
N HIS A 187 -0.18 -10.75 -9.00
CA HIS A 187 -1.40 -10.49 -8.26
C HIS A 187 -2.61 -10.23 -9.17
N CYS A 188 -2.41 -9.47 -10.25
CA CYS A 188 -3.51 -9.18 -11.17
C CYS A 188 -3.92 -10.44 -11.92
N HIS A 189 -2.97 -11.32 -12.14
CA HIS A 189 -3.30 -12.56 -12.83
C HIS A 189 -4.04 -13.52 -11.90
N GLN A 190 -3.55 -13.70 -10.68
CA GLN A 190 -4.23 -14.57 -9.73
C GLN A 190 -5.63 -13.99 -9.50
N SER A 191 -5.77 -12.70 -9.76
CA SER A 191 -7.03 -12.01 -9.60
C SER A 191 -8.13 -12.52 -10.53
N ILE A 192 -7.80 -12.60 -11.82
CA ILE A 192 -8.76 -13.04 -12.83
C ILE A 192 -9.14 -14.51 -12.72
N VAL A 193 -8.18 -15.32 -12.28
CA VAL A 193 -8.39 -16.75 -12.14
C VAL A 193 -8.72 -17.12 -10.71
N ALA A 194 -9.24 -16.17 -9.95
CA ALA A 194 -9.61 -16.43 -8.57
C ALA A 194 -11.04 -16.96 -8.55
N GLU A 195 -11.34 -17.80 -7.57
CA GLU A 195 -12.68 -18.35 -7.47
C GLU A 195 -13.24 -18.26 -6.05
N PRO A 196 -14.57 -18.18 -5.93
CA PRO A 196 -15.23 -18.08 -4.63
C PRO A 196 -14.90 -19.22 -3.67
N LEU A 197 -14.43 -18.85 -2.48
CA LEU A 197 -14.10 -19.82 -1.45
C LEU A 197 -15.40 -20.28 -0.79
N SER A 198 -15.28 -21.23 0.13
CA SER A 198 -16.42 -21.75 0.86
C SER A 198 -16.75 -20.74 1.95
N GLU A 199 -18.03 -20.46 2.13
CA GLU A 199 -18.50 -19.50 3.13
C GLU A 199 -17.78 -19.57 4.47
N ALA A 200 -17.15 -20.70 4.75
CA ALA A 200 -16.40 -20.83 6.00
C ALA A 200 -15.14 -20.00 5.85
N GLN A 201 -14.48 -20.18 4.71
CA GLN A 201 -13.23 -19.48 4.42
C GLN A 201 -13.38 -17.99 4.08
N THR A 202 -14.43 -17.63 3.34
CA THR A 202 -14.65 -16.24 3.00
C THR A 202 -14.91 -15.42 4.27
N LEU A 203 -14.64 -16.04 5.42
CA LEU A 203 -14.79 -15.38 6.73
C LEU A 203 -13.43 -15.38 7.43
N GLU A 204 -12.63 -16.44 7.22
CA GLU A 204 -11.30 -16.53 7.83
C GLU A 204 -10.36 -15.58 7.07
N HIS A 205 -10.76 -15.22 5.85
CA HIS A 205 -10.00 -14.27 5.05
C HIS A 205 -10.64 -12.94 5.40
N ARG A 206 -11.80 -13.04 6.05
CA ARG A 206 -12.54 -11.88 6.52
C ARG A 206 -12.09 -11.70 7.97
N GLN A 207 -11.11 -12.51 8.35
CA GLN A 207 -10.53 -12.46 9.68
C GLN A 207 -9.14 -11.88 9.52
N GLY A 208 -8.45 -12.32 8.47
CA GLY A 208 -7.10 -11.85 8.20
C GLY A 208 -7.04 -10.38 7.85
N GLN A 209 -7.84 -9.98 6.86
CA GLN A 209 -7.90 -8.59 6.44
C GLN A 209 -8.32 -7.79 7.68
N ILE A 210 -9.38 -8.26 8.36
CA ILE A 210 -9.86 -7.61 9.57
C ILE A 210 -8.70 -7.41 10.55
N HIS A 211 -8.00 -8.51 10.88
CA HIS A 211 -6.86 -8.50 11.79
C HIS A 211 -5.72 -7.64 11.28
N TYR A 212 -5.59 -7.59 9.96
CA TYR A 212 -4.55 -6.82 9.28
C TYR A 212 -4.74 -5.31 9.52
N CYS A 213 -5.93 -4.82 9.20
CA CYS A 213 -6.26 -3.41 9.36
C CYS A 213 -6.14 -3.01 10.81
N GLN A 214 -6.68 -3.84 11.71
CA GLN A 214 -6.61 -3.56 13.15
C GLN A 214 -5.17 -3.47 13.66
N GLN A 215 -4.29 -4.35 13.16
CA GLN A 215 -2.88 -4.33 13.57
C GLN A 215 -2.18 -3.09 13.03
N GLN A 216 -2.38 -2.82 11.74
CA GLN A 216 -1.78 -1.65 11.10
C GLN A 216 -2.30 -0.37 11.73
N GLN A 217 -3.58 -0.40 12.08
CA GLN A 217 -4.28 0.71 12.69
C GLN A 217 -3.65 1.11 14.03
N LYS A 218 -2.94 0.17 14.65
CA LYS A 218 -2.30 0.43 15.94
C LYS A 218 -0.78 0.62 15.91
N ASN A 219 -0.16 0.41 14.77
CA ASN A 219 1.29 0.55 14.68
C ASN A 219 1.76 1.48 13.56
N ASP A 220 0.88 1.75 12.60
CA ASP A 220 1.18 2.63 11.47
C ASP A 220 1.46 4.03 12.06
N LYS A 221 2.64 4.57 11.77
CA LYS A 221 3.01 5.86 12.32
C LYS A 221 2.55 7.10 11.58
N THR A 222 1.62 6.91 10.65
CA THR A 222 1.05 8.02 9.91
C THR A 222 0.30 8.83 10.97
N ARG A 223 -0.24 8.12 11.95
CA ARG A 223 -1.04 8.68 13.03
C ARG A 223 -0.43 9.86 13.80
N ARG A 224 0.69 9.61 14.47
CA ARG A 224 1.35 10.64 15.26
C ARG A 224 1.42 11.99 14.53
N VAL A 225 1.81 11.96 13.26
CA VAL A 225 1.90 13.17 12.46
C VAL A 225 0.52 13.82 12.38
N LEU A 226 -0.47 13.02 11.96
CA LEU A 226 -1.85 13.48 11.82
C LEU A 226 -2.37 14.13 13.08
N GLU A 227 -1.95 13.59 14.22
CA GLU A 227 -2.34 14.11 15.53
C GLU A 227 -1.71 15.46 15.81
N LYS A 228 -0.49 15.69 15.30
CA LYS A 228 0.18 16.97 15.52
C LYS A 228 -0.36 18.03 14.59
N ALA A 229 -0.86 17.61 13.44
CA ALA A 229 -1.41 18.55 12.48
C ALA A 229 -2.88 18.83 12.79
N PHE A 230 -3.65 17.78 13.05
CA PHE A 230 -5.08 17.94 13.31
C PHE A 230 -5.60 17.35 14.61
N GLY A 231 -4.72 16.71 15.39
CA GLY A 231 -5.17 16.15 16.65
C GLY A 231 -5.70 14.72 16.64
N GLU A 232 -5.80 14.18 17.85
CA GLU A 232 -6.28 12.83 18.13
C GLU A 232 -7.54 12.36 17.43
N ALA A 233 -8.65 13.07 17.61
CA ALA A 233 -9.90 12.67 16.99
C ALA A 233 -9.88 12.64 15.46
N TRP A 234 -9.14 13.55 14.85
CA TRP A 234 -9.10 13.55 13.39
C TRP A 234 -8.24 12.40 12.91
N ALA A 235 -7.11 12.21 13.60
CA ALA A 235 -6.15 11.16 13.29
C ALA A 235 -6.83 9.78 13.39
N GLU A 236 -7.60 9.58 14.46
CA GLU A 236 -8.32 8.33 14.66
C GLU A 236 -9.30 8.05 13.52
N ARG A 237 -10.08 9.05 13.14
CA ARG A 237 -11.05 8.88 12.08
C ARG A 237 -10.36 8.56 10.75
N TYR A 238 -9.20 9.16 10.52
CA TYR A 238 -8.45 8.92 9.30
C TYR A 238 -7.85 7.50 9.23
N MET A 239 -7.24 7.06 10.33
CA MET A 239 -6.65 5.73 10.45
C MET A 239 -7.64 4.58 10.17
N SER A 240 -8.79 4.63 10.83
CA SER A 240 -9.80 3.58 10.70
C SER A 240 -10.83 3.80 9.61
N GLN A 241 -10.70 4.88 8.86
CA GLN A 241 -11.63 5.16 7.76
C GLN A 241 -10.90 5.19 6.43
N VAL A 242 -9.66 5.66 6.45
CA VAL A 242 -8.88 5.79 5.23
C VAL A 242 -7.80 4.73 5.03
N LEU A 243 -6.85 4.68 5.96
CA LEU A 243 -5.77 3.74 5.84
C LEU A 243 -6.16 2.27 5.98
N PHE A 244 -6.59 1.89 7.17
CA PHE A 244 -6.97 0.51 7.40
C PHE A 244 -8.34 0.40 8.03
N ASP A 245 -9.38 0.63 7.24
CA ASP A 245 -10.74 0.53 7.77
C ASP A 245 -10.99 -0.94 8.07
#